data_1T5H
#
_entry.id   1T5H
#
_cell.length_a   124.979
_cell.length_b   124.979
_cell.length_c   69.001
_cell.angle_alpha   90.00
_cell.angle_beta   90.00
_cell.angle_gamma   120.00
#
_symmetry.space_group_name_H-M   'P 32 2 1'
#
loop_
_entity.id
_entity.type
_entity.pdbx_description
1 polymer '4-chlorobenzoyl CoA ligase'
2 non-polymer 'CALCIUM ION'
3 water water
#
_entity_poly.entity_id   1
_entity_poly.type   'polypeptide(L)'
_entity_poly.pdbx_seq_one_letter_code
;(MSE)QTVNE(MSE)LRRAATRAPDHCALAVPARGLRLTHAELRARVEAVAARLHADGLRPQQRVAVVAPNSADVVIAIL
ALHRLGAVPALLNPRLKSAELAELIKRGE(MSE)TAAVIAVGRQVADAIFQSGSGARIIFLGDLVRDGEPYSYGPPIEDP
QREPAQPAFIFYTSGTTGLPKAAIIPQRAAESRVLF(MSE)STQVGLRHGRHNVVLGL(MSE)PLYHVVGFFAVLVAALA
LDGTYVVVEEFRPVDALQLVQQEQVTSLFATPTHLDALAAAAAHAGSSLKLDSLRHVTFAGAT(MSE)PDAVLETVHQHL
PGEKVNIYGTTEA(MSE)NSLY(MSE)RQPKTGTE(MSE)APGFFSEVRIVRIGGGVDEIVANGEEGELIVAASDSAFVG
YLNQPQATAEKLQDGWYRTSDVAVWTPEGTVRILGRVDD(MSE)IISGGENIHPSEIERVLGTAPGVTEVVVIGLADQRW
GQSVTACVVPRLGETLSADALDTFCRSSELADFKRPKRYFILDQLPKNALNKVLRRQLVQQVSS
;
_entity_poly.pdbx_strand_id   X
#
loop_
_chem_comp.id
_chem_comp.type
_chem_comp.name
_chem_comp.formula
CA non-polymer 'CALCIUM ION' 'Ca 2'
#
# COMPACT_ATOMS: atom_id res chain seq x y z
N MSE A 1 -23.48 -10.58 -2.93
CA MSE A 1 -22.06 -10.17 -2.67
C MSE A 1 -21.38 -11.16 -1.73
O MSE A 1 -22.03 -11.78 -0.89
CB MSE A 1 -22.03 -8.75 -2.07
CG MSE A 1 -21.17 -8.61 -0.81
SE MSE A 1 -21.83 -7.30 0.41
CE MSE A 1 -23.22 -8.29 1.35
N GLN A 2 -20.07 -11.33 -1.90
CA GLN A 2 -19.29 -12.07 -0.93
C GLN A 2 -18.49 -11.09 -0.10
N THR A 3 -18.80 -11.02 1.20
CA THR A 3 -17.94 -10.29 2.12
C THR A 3 -16.64 -11.06 2.29
N VAL A 4 -15.65 -10.44 2.95
CA VAL A 4 -14.44 -11.15 3.34
C VAL A 4 -14.77 -12.46 4.07
N ASN A 5 -15.63 -12.38 5.09
CA ASN A 5 -16.03 -13.57 5.86
C ASN A 5 -16.60 -14.67 4.97
N GLU A 6 -17.48 -14.27 4.05
CA GLU A 6 -18.16 -15.22 3.18
C GLU A 6 -17.19 -15.86 2.19
N MSE A 7 -16.23 -15.09 1.68
CA MSE A 7 -15.25 -15.64 0.75
C MSE A 7 -14.40 -16.71 1.43
O MSE A 7 -14.13 -17.76 0.85
CB MSE A 7 -14.33 -14.56 0.18
CG MSE A 7 -14.94 -13.83 -1.02
SE MSE A 7 -13.72 -12.58 -1.85
CE MSE A 7 -13.75 -11.12 -0.50
N LEU A 8 -14.02 -16.44 2.67
CA LEU A 8 -13.23 -17.37 3.46
C LEU A 8 -14.04 -18.57 3.91
N ARG A 9 -15.29 -18.33 4.30
CA ARG A 9 -16.22 -19.42 4.64
C ARG A 9 -16.35 -20.42 3.49
N ARG A 10 -16.60 -19.90 2.29
CA ARG A 10 -16.79 -20.75 1.09
C ARG A 10 -15.52 -21.53 0.76
N ALA A 11 -14.38 -20.85 0.78
CA ALA A 11 -13.08 -21.49 0.58
C ALA A 11 -12.87 -22.67 1.52
N ALA A 12 -13.24 -22.50 2.79
CA ALA A 12 -13.07 -23.56 3.79
C ALA A 12 -13.97 -24.78 3.54
N THR A 13 -15.17 -24.58 2.98
CA THR A 13 -16.01 -25.73 2.58
C THR A 13 -15.38 -26.50 1.42
N ARG A 14 -14.63 -25.79 0.58
CA ARG A 14 -14.05 -26.36 -0.64
C ARG A 14 -12.72 -27.06 -0.39
N ALA A 15 -11.91 -26.49 0.51
CA ALA A 15 -10.56 -26.97 0.75
C ALA A 15 -10.24 -27.05 2.24
N PRO A 16 -11.07 -27.78 3.02
CA PRO A 16 -10.93 -27.79 4.49
C PRO A 16 -9.56 -28.23 5.00
N ASP A 17 -8.95 -29.21 4.34
CA ASP A 17 -7.71 -29.81 4.81
C ASP A 17 -6.46 -29.32 4.07
N HIS A 18 -6.63 -28.32 3.22
CA HIS A 18 -5.50 -27.70 2.53
C HIS A 18 -4.92 -26.60 3.43
N CYS A 19 -3.59 -26.45 3.39
CA CYS A 19 -2.90 -25.44 4.19
C CYS A 19 -3.37 -24.04 3.82
N ALA A 20 -3.74 -23.26 4.84
CA ALA A 20 -4.20 -21.90 4.65
C ALA A 20 -3.13 -20.91 5.10
N LEU A 21 -2.52 -21.19 6.26
CA LEU A 21 -1.59 -20.27 6.88
C LEU A 21 -0.31 -21.02 7.21
N ALA A 22 0.82 -20.53 6.71
CA ALA A 22 2.12 -21.13 7.00
C ALA A 22 3.07 -20.12 7.63
N VAL A 23 3.64 -20.47 8.78
CA VAL A 23 4.72 -19.68 9.38
C VAL A 23 5.96 -20.57 9.52
N PRO A 24 6.75 -20.67 8.45
CA PRO A 24 7.83 -21.68 8.35
C PRO A 24 8.94 -21.55 9.39
N ALA A 25 9.30 -20.33 9.76
CA ALA A 25 10.35 -20.10 10.76
C ALA A 25 9.90 -20.63 12.12
N ARG A 26 8.60 -20.52 12.38
CA ARG A 26 7.98 -20.96 13.63
C ARG A 26 7.46 -22.39 13.56
N GLY A 27 7.49 -22.96 12.35
CA GLY A 27 7.00 -24.32 12.11
C GLY A 27 5.51 -24.47 12.30
N LEU A 28 4.78 -23.38 12.10
CA LEU A 28 3.34 -23.36 12.34
C LEU A 28 2.63 -23.47 11.00
N ARG A 29 1.71 -24.42 10.89
CA ARG A 29 0.89 -24.61 9.68
C ARG A 29 -0.55 -24.88 10.08
N LEU A 30 -1.49 -24.18 9.45
CA LEU A 30 -2.91 -24.35 9.74
C LEU A 30 -3.69 -24.54 8.44
N THR A 31 -4.58 -25.52 8.42
CA THR A 31 -5.47 -25.71 7.28
C THR A 31 -6.57 -24.66 7.25
N HIS A 32 -7.32 -24.63 6.15
CA HIS A 32 -8.48 -23.74 6.05
C HIS A 32 -9.48 -24.00 7.17
N ALA A 33 -9.77 -25.27 7.45
CA ALA A 33 -10.70 -25.65 8.53
C ALA A 33 -10.16 -25.29 9.93
N GLU A 34 -8.87 -25.52 10.15
CA GLU A 34 -8.22 -25.20 11.42
C GLU A 34 -8.24 -23.69 11.69
N LEU A 35 -7.99 -22.90 10.65
CA LEU A 35 -8.03 -21.44 10.76
C LEU A 35 -9.44 -20.99 11.12
N ARG A 36 -10.44 -21.49 10.38
CA ARG A 36 -11.83 -21.13 10.66
C ARG A 36 -12.25 -21.43 12.10
N ALA A 37 -11.80 -22.56 12.64
CA ALA A 37 -12.14 -22.93 14.02
C ALA A 37 -11.53 -21.95 15.02
N ARG A 38 -10.29 -21.55 14.77
CA ARG A 38 -9.61 -20.58 15.65
C ARG A 38 -10.20 -19.18 15.55
N VAL A 39 -10.58 -18.77 14.33
CA VAL A 39 -11.30 -17.51 14.12
C VAL A 39 -12.61 -17.51 14.92
N GLU A 40 -13.40 -18.58 14.77
CA GLU A 40 -14.68 -18.72 15.48
C GLU A 40 -14.50 -18.67 17.01
N ALA A 41 -13.43 -19.32 17.48
CA ALA A 41 -13.13 -19.37 18.92
C ALA A 41 -12.81 -17.98 19.49
N VAL A 42 -11.95 -17.24 18.80
CA VAL A 42 -11.57 -15.89 19.24
C VAL A 42 -12.76 -14.93 19.17
N ALA A 43 -13.56 -15.05 18.12
CA ALA A 43 -14.75 -14.22 17.94
C ALA A 43 -15.73 -14.40 19.12
N ALA A 44 -15.99 -15.66 19.46
CA ALA A 44 -16.88 -16.00 20.58
C ALA A 44 -16.40 -15.41 21.90
N ARG A 45 -15.08 -15.49 22.14
CA ARG A 45 -14.46 -14.93 23.35
C ARG A 45 -14.59 -13.42 23.39
N LEU A 46 -14.33 -12.77 22.26
CA LEU A 46 -14.48 -11.32 22.13
C LEU A 46 -15.93 -10.86 22.39
N HIS A 47 -16.90 -11.62 21.91
CA HIS A 47 -18.32 -11.32 22.13
C HIS A 47 -18.70 -11.46 23.60
N ALA A 48 -18.25 -12.54 24.24
CA ALA A 48 -18.50 -12.77 25.65
C ALA A 48 -17.97 -11.62 26.52
N ASP A 49 -16.84 -11.05 26.12
CA ASP A 49 -16.23 -9.92 26.83
C ASP A 49 -16.97 -8.59 26.64
N GLY A 50 -17.95 -8.56 25.72
CA GLY A 50 -18.82 -7.40 25.56
C GLY A 50 -18.87 -6.78 24.17
N LEU A 51 -17.93 -7.15 23.32
CA LEU A 51 -17.82 -6.58 21.96
C LEU A 51 -19.02 -6.95 21.10
N ARG A 52 -19.54 -5.96 20.37
CA ARG A 52 -20.75 -6.12 19.59
C ARG A 52 -20.55 -5.65 18.14
N PRO A 53 -21.38 -6.17 17.22
CA PRO A 53 -21.27 -5.81 15.80
C PRO A 53 -21.27 -4.30 15.54
N GLN A 54 -20.53 -3.89 14.51
CA GLN A 54 -20.41 -2.49 14.08
C GLN A 54 -19.71 -1.53 15.06
N GLN A 55 -19.21 -2.06 16.17
CA GLN A 55 -18.30 -1.32 17.04
C GLN A 55 -16.90 -1.35 16.41
N ARG A 56 -16.17 -0.24 16.51
CA ARG A 56 -14.84 -0.10 15.91
C ARG A 56 -13.73 -0.54 16.86
N VAL A 57 -12.81 -1.37 16.37
CA VAL A 57 -11.72 -1.88 17.19
C VAL A 57 -10.39 -1.68 16.44
N ALA A 58 -9.51 -0.89 17.04
CA ALA A 58 -8.17 -0.68 16.49
C ALA A 58 -7.32 -1.93 16.62
N VAL A 59 -6.45 -2.14 15.63
CA VAL A 59 -5.47 -3.23 15.67
C VAL A 59 -4.09 -2.62 15.41
N VAL A 60 -3.19 -2.79 16.39
CA VAL A 60 -1.82 -2.26 16.33
C VAL A 60 -0.80 -3.39 16.50
N ALA A 61 -0.40 -4.00 15.40
CA ALA A 61 0.49 -5.15 15.43
C ALA A 61 1.24 -5.38 14.11
N PRO A 62 2.48 -5.89 14.19
CA PRO A 62 3.21 -6.34 13.00
C PRO A 62 2.62 -7.64 12.44
N ASN A 63 2.90 -7.95 11.17
CA ASN A 63 2.44 -9.19 10.53
C ASN A 63 2.77 -10.43 11.35
N SER A 64 1.77 -11.32 11.51
CA SER A 64 1.92 -12.59 12.22
C SER A 64 0.64 -13.41 12.07
N ALA A 65 0.72 -14.71 12.34
CA ALA A 65 -0.45 -15.58 12.28
C ALA A 65 -1.50 -15.16 13.31
N ASP A 66 -1.05 -14.68 14.47
CA ASP A 66 -1.96 -14.29 15.54
C ASP A 66 -2.81 -13.06 15.18
N VAL A 67 -2.20 -12.06 14.56
CA VAL A 67 -2.94 -10.88 14.10
C VAL A 67 -3.90 -11.23 12.95
N VAL A 68 -3.50 -12.16 12.08
CA VAL A 68 -4.41 -12.60 11.01
C VAL A 68 -5.68 -13.16 11.66
N ILE A 69 -5.51 -14.01 12.67
CA ILE A 69 -6.64 -14.62 13.39
C ILE A 69 -7.50 -13.56 14.10
N ALA A 70 -6.83 -12.61 14.76
CA ALA A 70 -7.54 -11.54 15.46
C ALA A 70 -8.40 -10.67 14.54
N ILE A 71 -7.82 -10.22 13.43
CA ILE A 71 -8.55 -9.41 12.45
C ILE A 71 -9.77 -10.14 11.90
N LEU A 72 -9.57 -11.39 11.49
CA LEU A 72 -10.66 -12.18 10.94
C LEU A 72 -11.72 -12.50 12.00
N ALA A 73 -11.27 -12.69 13.25
CA ALA A 73 -12.22 -12.90 14.36
C ALA A 73 -13.09 -11.67 14.63
N LEU A 74 -12.48 -10.49 14.62
CA LEU A 74 -13.22 -9.24 14.78
C LEU A 74 -14.27 -9.13 13.70
N HIS A 75 -13.86 -9.36 12.45
CA HIS A 75 -14.75 -9.32 11.31
C HIS A 75 -15.87 -10.37 11.41
N ARG A 76 -15.53 -11.57 11.85
CA ARG A 76 -16.52 -12.64 12.06
C ARG A 76 -17.58 -12.24 13.09
N LEU A 77 -17.15 -11.64 14.19
CA LEU A 77 -18.07 -11.12 15.19
C LEU A 77 -18.95 -10.04 14.57
N GLY A 78 -18.37 -9.26 13.68
CA GLY A 78 -19.08 -8.15 13.05
C GLY A 78 -18.58 -6.78 13.50
N ALA A 79 -17.52 -6.76 14.31
CA ALA A 79 -16.85 -5.51 14.68
C ALA A 79 -16.11 -4.96 13.47
N VAL A 80 -15.73 -3.69 13.50
CA VAL A 80 -15.02 -3.08 12.37
C VAL A 80 -13.54 -2.86 12.73
N PRO A 81 -12.63 -3.70 12.21
CA PRO A 81 -11.21 -3.53 12.55
C PRO A 81 -10.64 -2.28 11.88
N ALA A 82 -9.88 -1.52 12.66
CA ALA A 82 -9.15 -0.36 12.16
C ALA A 82 -7.66 -0.63 12.29
N LEU A 83 -7.05 -0.98 11.16
CA LEU A 83 -5.67 -1.46 11.13
C LEU A 83 -4.70 -0.30 11.07
N LEU A 84 -3.78 -0.28 12.02
CA LEU A 84 -2.85 0.83 12.21
C LEU A 84 -1.40 0.37 12.07
N ASN A 85 -0.59 1.21 11.45
CA ASN A 85 0.85 1.00 11.34
C ASN A 85 1.51 1.09 12.73
N PRO A 86 2.06 -0.03 13.22
CA PRO A 86 2.67 -0.07 14.55
C PRO A 86 4.01 0.68 14.64
N ARG A 87 4.52 1.14 13.49
CA ARG A 87 5.76 1.92 13.44
C ARG A 87 5.53 3.40 13.76
N LEU A 88 4.26 3.82 13.82
CA LEU A 88 3.92 5.19 14.20
C LEU A 88 4.19 5.42 15.68
N LYS A 89 4.42 6.69 16.04
CA LYS A 89 4.70 7.06 17.42
C LYS A 89 3.47 6.81 18.31
N SER A 90 3.72 6.48 19.56
CA SER A 90 2.68 6.09 20.51
C SER A 90 1.56 7.13 20.67
N ALA A 91 1.94 8.39 20.88
CA ALA A 91 0.98 9.49 21.05
C ALA A 91 0.18 9.75 19.77
N GLU A 92 0.80 9.48 18.63
CA GLU A 92 0.12 9.60 17.34
C GLU A 92 -0.94 8.50 17.18
N LEU A 93 -0.59 7.28 17.57
CA LEU A 93 -1.54 6.17 17.55
C LEU A 93 -2.70 6.39 18.51
N ALA A 94 -2.39 6.87 19.72
CA ALA A 94 -3.39 7.19 20.74
C ALA A 94 -4.38 8.26 20.27
N GLU A 95 -3.86 9.31 19.62
CA GLU A 95 -4.69 10.35 19.03
C GLU A 95 -5.70 9.81 18.00
N LEU A 96 -5.23 8.93 17.11
CA LEU A 96 -6.05 8.35 16.07
C LEU A 96 -7.14 7.43 16.64
N ILE A 97 -6.78 6.67 17.67
CA ILE A 97 -7.73 5.83 18.38
C ILE A 97 -8.80 6.69 19.06
N LYS A 98 -8.36 7.80 19.66
CA LYS A 98 -9.27 8.77 20.28
C LYS A 98 -10.23 9.40 19.26
N ARG A 99 -9.66 9.97 18.21
CA ARG A 99 -10.44 10.57 17.11
C ARG A 99 -11.45 9.61 16.50
N GLY A 100 -11.08 8.35 16.42
CA GLY A 100 -11.91 7.32 15.80
C GLY A 100 -13.06 6.81 16.66
N GLU A 101 -13.08 7.21 17.94
CA GLU A 101 -14.11 6.75 18.90
C GLU A 101 -14.20 5.23 18.93
N MSE A 102 -13.05 4.59 19.14
CA MSE A 102 -12.94 3.14 19.17
C MSE A 102 -13.47 2.58 20.49
O MSE A 102 -13.23 3.15 21.56
CB MSE A 102 -11.49 2.70 18.98
CG MSE A 102 -10.75 3.45 17.91
SE MSE A 102 -10.82 2.54 16.21
CE MSE A 102 -9.29 3.43 15.38
N THR A 103 -14.19 1.47 20.40
CA THR A 103 -14.65 0.73 21.57
C THR A 103 -13.47 0.04 22.25
N ALA A 104 -12.53 -0.45 21.45
CA ALA A 104 -11.35 -1.16 21.97
C ALA A 104 -10.13 -1.08 21.05
N ALA A 105 -8.98 -1.48 21.59
CA ALA A 105 -7.75 -1.55 20.82
C ALA A 105 -7.03 -2.84 21.14
N VAL A 106 -6.80 -3.64 20.10
CA VAL A 106 -6.02 -4.88 20.21
C VAL A 106 -4.59 -4.55 19.82
N ILE A 107 -3.67 -4.68 20.78
CA ILE A 107 -2.30 -4.24 20.58
C ILE A 107 -1.28 -5.33 20.91
N ALA A 108 -0.18 -5.36 20.14
CA ALA A 108 1.00 -6.11 20.52
C ALA A 108 1.87 -5.18 21.35
N VAL A 109 2.06 -5.52 22.62
CA VAL A 109 2.80 -4.68 23.56
C VAL A 109 4.22 -5.22 23.76
N GLN A 112 4.94 0.52 24.54
CA GLN A 112 4.29 1.30 25.60
C GLN A 112 3.08 2.05 25.06
N VAL A 113 2.45 1.47 24.03
CA VAL A 113 1.27 2.02 23.37
C VAL A 113 0.03 2.08 24.28
N ALA A 114 -0.09 1.09 25.17
CA ALA A 114 -1.21 1.01 26.12
C ALA A 114 -1.23 2.19 27.08
N ASP A 115 -0.07 2.50 27.65
CA ASP A 115 0.08 3.64 28.56
C ASP A 115 -0.26 4.96 27.86
N ALA A 116 0.01 5.03 26.56
CA ALA A 116 -0.33 6.20 25.75
C ALA A 116 -1.83 6.35 25.52
N ILE A 117 -2.53 5.23 25.31
CA ILE A 117 -3.99 5.21 25.15
C ILE A 117 -4.70 5.62 26.46
N PHE A 118 -4.13 5.20 27.59
CA PHE A 118 -4.66 5.54 28.92
C PHE A 118 -4.55 7.03 29.24
N GLN A 119 -3.51 7.67 28.71
CA GLN A 119 -3.25 9.09 28.97
C GLN A 119 -3.98 10.04 28.01
N SER A 120 -4.45 9.49 26.90
CA SER A 120 -5.18 10.27 25.89
C SER A 120 -6.59 10.64 26.35
N GLY A 121 -7.13 9.87 27.29
CA GLY A 121 -8.47 10.11 27.81
C GLY A 121 -9.52 9.23 27.14
N SER A 122 -9.11 8.59 26.04
CA SER A 122 -9.91 7.65 25.28
C SER A 122 -10.65 6.63 26.15
N GLY A 123 -11.85 6.26 25.73
CA GLY A 123 -12.64 5.25 26.40
C GLY A 123 -12.43 3.88 25.80
N ALA A 124 -11.34 3.73 25.03
CA ALA A 124 -11.02 2.47 24.37
C ALA A 124 -10.40 1.46 25.33
N ARG A 125 -11.06 0.32 25.46
CA ARG A 125 -10.57 -0.78 26.29
C ARG A 125 -9.36 -1.43 25.62
N ILE A 126 -8.30 -1.66 26.39
CA ILE A 126 -7.10 -2.28 25.85
C ILE A 126 -7.16 -3.81 25.89
N ILE A 127 -6.94 -4.43 24.74
CA ILE A 127 -6.87 -5.89 24.61
C ILE A 127 -5.48 -6.25 24.08
N PHE A 128 -4.71 -6.99 24.85
CA PHE A 128 -3.39 -7.42 24.41
C PHE A 128 -3.58 -8.64 23.51
N LEU A 129 -2.91 -8.64 22.34
CA LEU A 129 -3.03 -9.73 21.37
C LEU A 129 -2.66 -11.07 21.99
N GLY A 130 -1.64 -11.07 22.85
CA GLY A 130 -1.18 -12.25 23.55
C GLY A 130 -2.18 -12.85 24.52
N ASP A 131 -3.23 -12.11 24.86
CA ASP A 131 -4.29 -12.59 25.74
C ASP A 131 -5.34 -13.37 24.96
N LEU A 132 -5.35 -13.19 23.64
CA LEU A 132 -6.37 -13.78 22.77
C LEU A 132 -5.94 -15.07 22.10
N VAL A 133 -4.73 -15.07 21.55
CA VAL A 133 -4.21 -16.16 20.72
C VAL A 133 -2.68 -16.14 20.75
N ARG A 134 -2.09 -17.32 20.88
CA ARG A 134 -0.65 -17.48 20.98
C ARG A 134 -0.20 -18.61 20.04
N ASP A 135 0.64 -18.27 19.07
CA ASP A 135 1.07 -19.19 18.02
C ASP A 135 -0.08 -20.03 17.43
N GLY A 136 -1.16 -19.34 17.04
CA GLY A 136 -2.34 -19.99 16.48
C GLY A 136 -3.33 -20.56 17.49
N GLU A 137 -2.93 -20.67 18.75
CA GLU A 137 -3.78 -21.27 19.79
C GLU A 137 -4.61 -20.24 20.59
N PRO A 138 -5.93 -20.31 20.49
CA PRO A 138 -6.81 -19.34 21.16
C PRO A 138 -7.11 -19.69 22.61
N TYR A 139 -7.35 -18.66 23.41
CA TYR A 139 -7.97 -18.83 24.72
C TYR A 139 -9.48 -18.87 24.51
N SER A 140 -10.06 -20.05 24.73
CA SER A 140 -11.44 -20.30 24.36
C SER A 140 -12.44 -20.18 25.52
N TYR A 141 -13.45 -19.32 25.34
CA TYR A 141 -14.63 -19.34 26.21
C TYR A 141 -15.82 -18.57 25.66
N GLY A 142 -16.99 -18.81 26.25
CA GLY A 142 -18.23 -18.16 25.84
C GLY A 142 -19.07 -19.03 24.91
N PRO A 143 -20.38 -18.79 24.89
CA PRO A 143 -21.29 -19.51 23.98
C PRO A 143 -21.01 -19.21 22.51
N PRO A 144 -21.43 -20.09 21.60
CA PRO A 144 -21.34 -19.79 20.16
C PRO A 144 -22.21 -18.57 19.79
N ILE A 145 -21.74 -17.78 18.82
CA ILE A 145 -22.38 -16.51 18.50
C ILE A 145 -23.04 -16.50 17.12
N GLU A 146 -24.07 -15.66 16.98
CA GLU A 146 -24.79 -15.51 15.72
C GLU A 146 -23.92 -14.84 14.68
N ASP A 147 -24.19 -15.14 13.41
CA ASP A 147 -23.61 -14.39 12.30
C ASP A 147 -24.40 -13.09 12.21
N PRO A 148 -23.69 -11.96 12.23
CA PRO A 148 -24.36 -10.66 12.15
C PRO A 148 -24.83 -10.40 10.71
N GLN A 149 -25.88 -9.61 10.53
CA GLN A 149 -26.33 -9.24 9.21
C GLN A 149 -25.33 -8.26 8.61
N ARG A 150 -24.77 -8.63 7.46
CA ARG A 150 -23.86 -7.73 6.78
C ARG A 150 -24.58 -7.14 5.57
N GLU A 151 -24.46 -5.82 5.42
CA GLU A 151 -25.13 -5.09 4.35
C GLU A 151 -24.07 -4.44 3.46
N PRO A 152 -24.35 -4.35 2.16
CA PRO A 152 -23.36 -3.88 1.18
C PRO A 152 -22.67 -2.55 1.51
N ALA A 153 -23.43 -1.51 1.86
CA ALA A 153 -22.88 -0.17 2.11
C ALA A 153 -22.28 0.03 3.51
N GLN A 154 -22.51 -0.95 4.39
CA GLN A 154 -22.13 -0.87 5.79
C GLN A 154 -20.60 -0.95 5.98
N PRO A 155 -20.04 -0.18 6.91
CA PRO A 155 -18.60 -0.27 7.24
C PRO A 155 -18.14 -1.69 7.52
N ALA A 156 -17.00 -2.08 6.95
CA ALA A 156 -16.43 -3.41 7.15
C ALA A 156 -15.02 -3.32 7.76
N PHE A 157 -14.18 -2.47 7.18
CA PHE A 157 -12.79 -2.29 7.62
C PHE A 157 -12.40 -0.83 7.53
N ILE A 158 -11.49 -0.41 8.40
CA ILE A 158 -10.91 0.93 8.32
C ILE A 158 -9.38 0.82 8.10
N PHE A 159 -8.89 1.53 7.09
CA PHE A 159 -7.47 1.60 6.78
C PHE A 159 -7.03 3.05 6.75
N TYR A 160 -5.78 3.31 7.11
CA TYR A 160 -5.26 4.68 7.22
C TYR A 160 -4.32 5.07 6.08
N THR A 161 -4.42 6.32 5.66
CA THR A 161 -3.59 6.86 4.56
C THR A 161 -2.22 7.35 5.07
N SER A 162 -1.51 8.05 4.19
CA SER A 162 -0.26 8.75 4.54
C SER A 162 -0.51 9.80 5.63
N GLY A 166 -1.48 16.58 7.69
CA GLY A 166 -0.80 16.08 8.88
C GLY A 166 -1.08 14.62 9.16
N LEU A 167 -2.06 14.37 10.04
CA LEU A 167 -2.36 13.01 10.53
C LEU A 167 -3.05 12.14 9.49
N PRO A 168 -2.76 10.84 9.50
CA PRO A 168 -3.42 9.90 8.59
C PRO A 168 -4.94 9.93 8.73
N LYS A 169 -5.63 9.66 7.62
CA LYS A 169 -7.10 9.70 7.61
C LYS A 169 -7.68 8.29 7.63
N ALA A 170 -8.82 8.14 8.29
CA ALA A 170 -9.46 6.84 8.49
C ALA A 170 -10.45 6.52 7.35
N ALA A 171 -9.97 5.83 6.32
CA ALA A 171 -10.80 5.49 5.16
C ALA A 171 -11.72 4.32 5.48
N ILE A 172 -13.02 4.53 5.35
CA ILE A 172 -13.99 3.48 5.67
C ILE A 172 -14.29 2.60 4.46
N ILE A 173 -13.99 1.31 4.58
CA ILE A 173 -14.18 0.36 3.49
C ILE A 173 -15.49 -0.43 3.74
N PRO A 174 -16.46 -0.31 2.83
CA PRO A 174 -17.77 -0.96 3.02
C PRO A 174 -17.71 -2.45 2.70
N GLN A 175 -18.71 -3.22 3.15
CA GLN A 175 -18.75 -4.67 2.93
C GLN A 175 -18.64 -5.06 1.45
N ARG A 176 -19.30 -4.29 0.59
CA ARG A 176 -19.39 -4.59 -0.85
C ARG A 176 -18.05 -4.46 -1.60
N ALA A 177 -17.05 -3.85 -0.97
CA ALA A 177 -15.78 -3.55 -1.62
C ALA A 177 -14.82 -4.74 -1.69
N ALA A 178 -14.98 -5.68 -0.75
CA ALA A 178 -14.07 -6.81 -0.60
C ALA A 178 -13.88 -7.66 -1.87
N GLU A 179 -14.98 -8.05 -2.49
CA GLU A 179 -14.94 -8.94 -3.65
C GLU A 179 -14.08 -8.42 -4.80
N SER A 180 -14.31 -7.18 -5.21
CA SER A 180 -13.55 -6.61 -6.33
C SER A 180 -12.13 -6.23 -5.92
N ARG A 181 -11.92 -5.96 -4.63
CA ARG A 181 -10.59 -5.71 -4.10
C ARG A 181 -9.75 -6.99 -4.06
N VAL A 182 -10.42 -8.13 -4.17
CA VAL A 182 -9.73 -9.41 -4.33
C VAL A 182 -9.64 -9.80 -5.81
N LEU A 183 -10.76 -9.69 -6.52
CA LEU A 183 -10.87 -10.22 -7.88
C LEU A 183 -10.08 -9.48 -8.97
N PHE A 184 -9.68 -8.24 -8.71
CA PHE A 184 -8.76 -7.55 -9.62
C PHE A 184 -7.45 -8.33 -9.78
N MSE A 185 -7.05 -9.07 -8.74
CA MSE A 185 -5.84 -9.88 -8.81
C MSE A 185 -6.01 -11.01 -9.84
O MSE A 185 -5.03 -11.49 -10.40
CB MSE A 185 -5.46 -10.43 -7.43
CG MSE A 185 -4.93 -9.37 -6.47
SE MSE A 185 -3.26 -8.49 -7.04
CE MSE A 185 -2.12 -10.06 -6.92
N SER A 186 -7.26 -11.38 -10.12
CA SER A 186 -7.53 -12.33 -11.19
C SER A 186 -7.65 -11.65 -12.57
N THR A 187 -8.50 -10.63 -12.69
CA THR A 187 -8.71 -9.99 -13.99
C THR A 187 -7.48 -9.24 -14.49
N GLN A 188 -6.74 -8.59 -13.58
CA GLN A 188 -5.62 -7.75 -13.97
C GLN A 188 -4.29 -8.54 -13.93
N VAL A 189 -4.06 -9.25 -12.83
CA VAL A 189 -2.78 -9.86 -12.55
C VAL A 189 -2.71 -11.31 -13.03
N GLY A 190 -3.87 -11.94 -13.26
CA GLY A 190 -3.89 -13.29 -13.81
C GLY A 190 -3.82 -14.42 -12.81
N LEU A 191 -4.01 -14.14 -11.52
CA LEU A 191 -4.20 -15.22 -10.55
C LEU A 191 -5.53 -15.92 -10.88
N ARG A 192 -5.63 -17.20 -10.53
CA ARG A 192 -6.84 -17.96 -10.77
C ARG A 192 -7.08 -18.87 -9.56
N HIS A 193 -8.29 -19.40 -9.48
CA HIS A 193 -8.64 -20.26 -8.37
C HIS A 193 -7.79 -21.51 -8.42
N GLY A 194 -7.38 -21.99 -7.24
CA GLY A 194 -6.76 -23.30 -7.14
C GLY A 194 -5.79 -23.46 -5.99
N ARG A 195 -5.57 -24.73 -5.66
CA ARG A 195 -4.74 -25.11 -4.53
C ARG A 195 -3.25 -24.99 -4.84
N HIS A 196 -2.92 -24.64 -6.08
CA HIS A 196 -1.55 -24.28 -6.46
C HIS A 196 -1.09 -22.95 -5.84
N ASN A 197 -2.04 -22.07 -5.51
CA ASN A 197 -1.70 -20.72 -5.02
C ASN A 197 -0.93 -20.73 -3.71
N VAL A 198 0.31 -20.23 -3.75
CA VAL A 198 1.09 -20.03 -2.55
C VAL A 198 1.56 -18.57 -2.58
N VAL A 199 1.02 -17.76 -1.68
CA VAL A 199 1.26 -16.33 -1.70
C VAL A 199 2.20 -15.88 -0.58
N LEU A 200 3.30 -15.23 -0.96
CA LEU A 200 4.25 -14.73 0.04
C LEU A 200 3.77 -13.40 0.61
N GLY A 201 3.64 -13.34 1.93
CA GLY A 201 3.08 -12.17 2.60
C GLY A 201 4.12 -11.11 2.93
N LEU A 202 4.69 -10.47 1.91
CA LEU A 202 5.68 -9.42 2.13
C LEU A 202 5.05 -8.08 2.53
N MSE A 203 3.84 -7.81 2.05
CA MSE A 203 3.18 -6.53 2.33
C MSE A 203 2.54 -6.48 3.73
O MSE A 203 1.98 -7.48 4.19
CB MSE A 203 2.13 -6.23 1.26
CG MSE A 203 2.71 -5.98 -0.11
SE MSE A 203 3.74 -4.33 -0.25
CE MSE A 203 2.31 -3.03 -0.28
N PRO A 204 2.60 -5.32 4.40
CA PRO A 204 1.95 -5.16 5.71
C PRO A 204 0.43 -5.35 5.63
N LEU A 205 -0.11 -6.01 6.66
CA LEU A 205 -1.55 -6.26 6.73
C LEU A 205 -2.35 -4.98 6.97
N TYR A 206 -1.69 -3.92 7.42
CA TYR A 206 -2.38 -2.65 7.66
C TYR A 206 -2.45 -1.77 6.40
N HIS A 207 -1.96 -2.32 5.29
CA HIS A 207 -2.02 -1.70 3.98
C HIS A 207 -3.10 -2.47 3.20
N VAL A 208 -3.97 -1.77 2.44
CA VAL A 208 -5.05 -2.46 1.70
C VAL A 208 -4.58 -3.58 0.76
N VAL A 209 -3.39 -3.41 0.16
CA VAL A 209 -2.83 -4.45 -0.72
C VAL A 209 -2.50 -5.70 0.11
N GLY A 210 -1.74 -5.50 1.19
CA GLY A 210 -1.40 -6.57 2.13
C GLY A 210 -2.57 -7.34 2.72
N PHE A 211 -3.69 -6.66 2.92
CA PHE A 211 -4.89 -7.32 3.41
C PHE A 211 -5.76 -7.95 2.29
N PHE A 212 -6.38 -7.12 1.44
CA PHE A 212 -7.30 -7.65 0.42
C PHE A 212 -6.58 -8.38 -0.72
N ALA A 213 -5.58 -7.75 -1.33
CA ALA A 213 -4.96 -8.30 -2.53
C ALA A 213 -4.02 -9.46 -2.24
N VAL A 214 -3.57 -9.57 -1.00
CA VAL A 214 -2.57 -10.59 -0.63
C VAL A 214 -3.15 -11.66 0.31
N LEU A 215 -3.43 -11.28 1.57
CA LEU A 215 -3.99 -12.23 2.53
C LEU A 215 -5.35 -12.78 2.07
N VAL A 216 -6.32 -11.90 1.85
CA VAL A 216 -7.68 -12.36 1.55
C VAL A 216 -7.72 -13.09 0.20
N ALA A 217 -7.06 -12.55 -0.81
CA ALA A 217 -6.94 -13.24 -2.09
C ALA A 217 -6.33 -14.64 -1.96
N ALA A 218 -5.26 -14.77 -1.18
CA ALA A 218 -4.60 -16.06 -1.01
C ALA A 218 -5.60 -17.12 -0.51
N LEU A 219 -6.34 -16.78 0.53
CA LEU A 219 -7.30 -17.73 1.10
C LEU A 219 -8.56 -17.92 0.27
N ALA A 220 -9.08 -16.82 -0.29
CA ALA A 220 -10.31 -16.84 -1.08
C ALA A 220 -10.21 -17.74 -2.31
N LEU A 221 -8.99 -17.90 -2.81
CA LEU A 221 -8.72 -18.72 -4.00
C LEU A 221 -8.31 -20.16 -3.67
N ASP A 222 -8.45 -20.52 -2.40
CA ASP A 222 -8.17 -21.86 -1.86
C ASP A 222 -6.68 -22.18 -1.78
N GLY A 223 -5.88 -21.14 -1.60
CA GLY A 223 -4.44 -21.27 -1.53
C GLY A 223 -3.87 -21.10 -0.14
N THR A 224 -2.56 -20.85 -0.09
CA THR A 224 -1.80 -20.68 1.15
C THR A 224 -1.21 -19.26 1.26
N TYR A 225 -1.35 -18.64 2.43
CA TYR A 225 -0.65 -17.40 2.78
C TYR A 225 0.57 -17.72 3.65
N VAL A 226 1.76 -17.37 3.16
CA VAL A 226 2.99 -17.56 3.91
C VAL A 226 3.32 -16.27 4.69
N VAL A 227 3.35 -16.38 6.02
CA VAL A 227 3.61 -15.24 6.91
C VAL A 227 5.12 -14.93 6.95
N VAL A 228 5.45 -13.64 6.80
CA VAL A 228 6.82 -13.16 6.97
C VAL A 228 6.79 -12.04 7.99
N GLU A 229 7.37 -12.29 9.16
CA GLU A 229 7.35 -11.33 10.26
C GLU A 229 8.43 -10.26 10.11
N GLU A 230 9.58 -10.63 9.54
CA GLU A 230 10.69 -9.69 9.31
C GLU A 230 11.26 -9.89 7.90
N PHE A 231 11.46 -8.80 7.16
CA PHE A 231 11.99 -8.92 5.80
C PHE A 231 13.51 -9.09 5.72
N ARG A 232 13.91 -10.15 4.99
CA ARG A 232 15.31 -10.43 4.70
C ARG A 232 15.37 -11.11 3.35
N PRO A 233 16.09 -10.50 2.39
CA PRO A 233 16.01 -10.89 0.98
C PRO A 233 16.40 -12.36 0.74
N VAL A 234 17.48 -12.82 1.36
CA VAL A 234 17.92 -14.20 1.22
C VAL A 234 16.88 -15.15 1.82
N ASP A 235 16.40 -14.84 3.02
CA ASP A 235 15.37 -15.65 3.67
C ASP A 235 14.09 -15.70 2.82
N ALA A 236 13.72 -14.59 2.21
CA ALA A 236 12.50 -14.53 1.38
C ALA A 236 12.59 -15.42 0.14
N LEU A 237 13.74 -15.40 -0.54
CA LEU A 237 13.93 -16.19 -1.75
C LEU A 237 14.03 -17.69 -1.46
N GLN A 238 14.63 -18.02 -0.33
CA GLN A 238 14.64 -19.41 0.13
C GLN A 238 13.22 -19.92 0.37
N LEU A 239 12.35 -19.07 0.92
CA LEU A 239 10.96 -19.40 1.16
C LEU A 239 10.21 -19.61 -0.15
N VAL A 240 10.56 -18.82 -1.17
CA VAL A 240 10.02 -19.02 -2.51
C VAL A 240 10.28 -20.48 -2.93
N GLN A 241 11.51 -20.94 -2.78
CA GLN A 241 11.87 -22.31 -3.14
C GLN A 241 11.19 -23.36 -2.24
N GLN A 242 11.33 -23.20 -0.92
CA GLN A 242 10.83 -24.19 0.04
C GLN A 242 9.32 -24.37 0.02
N GLU A 243 8.58 -23.26 -0.10
CA GLU A 243 7.12 -23.28 -0.05
C GLU A 243 6.45 -23.29 -1.42
N GLN A 244 7.27 -23.24 -2.47
CA GLN A 244 6.80 -23.14 -3.86
C GLN A 244 5.83 -21.98 -4.08
N VAL A 245 6.28 -20.81 -3.65
CA VAL A 245 5.55 -19.57 -3.85
C VAL A 245 5.28 -19.34 -5.35
N THR A 246 4.02 -19.01 -5.65
CA THR A 246 3.56 -18.74 -7.01
C THR A 246 3.39 -17.25 -7.29
N SER A 247 3.21 -16.44 -6.25
CA SER A 247 3.05 -15.00 -6.46
C SER A 247 3.59 -14.19 -5.31
N LEU A 248 4.19 -13.04 -5.64
CA LEU A 248 4.55 -12.08 -4.62
C LEU A 248 4.24 -10.65 -5.04
N PHE A 249 3.83 -9.87 -4.07
CA PHE A 249 3.57 -8.44 -4.21
C PHE A 249 4.56 -7.77 -3.26
N ALA A 250 5.42 -6.90 -3.79
CA ALA A 250 6.42 -6.24 -2.96
C ALA A 250 6.59 -4.77 -3.35
N THR A 251 7.17 -3.99 -2.44
CA THR A 251 7.55 -2.61 -2.72
C THR A 251 8.74 -2.61 -3.67
N PRO A 252 8.95 -1.48 -4.37
CA PRO A 252 10.14 -1.31 -5.20
C PRO A 252 11.43 -1.55 -4.41
N THR A 253 11.49 -1.08 -3.17
CA THR A 253 12.64 -1.25 -2.29
C THR A 253 12.91 -2.74 -2.03
N HIS A 254 11.87 -3.50 -1.71
CA HIS A 254 12.02 -4.93 -1.48
C HIS A 254 12.43 -5.68 -2.76
N LEU A 255 11.87 -5.27 -3.89
CA LEU A 255 12.18 -5.89 -5.17
C LEU A 255 13.62 -5.70 -5.58
N ASP A 256 14.16 -4.50 -5.34
CA ASP A 256 15.56 -4.23 -5.63
C ASP A 256 16.46 -5.14 -4.78
N ALA A 257 16.11 -5.29 -3.51
CA ALA A 257 16.83 -6.20 -2.60
C ALA A 257 16.73 -7.66 -3.04
N LEU A 258 15.53 -8.11 -3.42
CA LEU A 258 15.30 -9.46 -3.88
C LEU A 258 16.05 -9.76 -5.19
N ALA A 259 16.02 -8.83 -6.13
CA ALA A 259 16.71 -9.00 -7.42
C ALA A 259 18.22 -9.17 -7.24
N ALA A 260 18.80 -8.35 -6.38
CA ALA A 260 20.23 -8.43 -6.05
C ALA A 260 20.59 -9.78 -5.44
N ALA A 261 19.77 -10.25 -4.49
CA ALA A 261 19.99 -11.55 -3.85
C ALA A 261 19.83 -12.73 -4.81
N ALA A 262 19.03 -12.54 -5.85
CA ALA A 262 18.81 -13.55 -6.87
C ALA A 262 19.89 -13.58 -7.96
N ALA A 263 20.75 -12.56 -8.00
CA ALA A 263 21.67 -12.33 -9.12
C ALA A 263 22.99 -13.13 -9.12
N HIS A 264 23.27 -13.86 -8.04
CA HIS A 264 24.52 -14.61 -7.93
C HIS A 264 24.52 -15.90 -8.74
N ALA A 265 25.60 -16.11 -9.50
CA ALA A 265 25.79 -17.34 -10.27
C ALA A 265 26.11 -18.54 -9.36
N GLY A 266 26.85 -18.28 -8.27
CA GLY A 266 27.16 -19.32 -7.30
C GLY A 266 26.01 -19.77 -6.41
N SER A 267 24.81 -19.21 -6.62
CA SER A 267 23.65 -19.50 -5.77
C SER A 267 22.90 -20.75 -6.21
N SER A 268 22.36 -21.49 -5.25
CA SER A 268 21.58 -22.71 -5.56
C SER A 268 20.06 -22.47 -5.59
N LEU A 269 19.64 -21.23 -5.41
CA LEU A 269 18.21 -20.89 -5.33
C LEU A 269 17.43 -21.31 -6.58
N LYS A 270 16.27 -21.92 -6.36
CA LYS A 270 15.37 -22.30 -7.45
C LYS A 270 14.06 -21.50 -7.34
N LEU A 271 13.88 -20.55 -8.24
CA LEU A 271 12.74 -19.63 -8.20
C LEU A 271 11.63 -19.98 -9.21
N ASP A 272 11.75 -21.16 -9.82
CA ASP A 272 10.86 -21.67 -10.89
C ASP A 272 9.34 -21.63 -10.60
N SER A 273 8.94 -21.79 -9.34
CA SER A 273 7.52 -21.78 -8.98
C SER A 273 6.86 -20.41 -9.13
N LEU A 274 7.66 -19.35 -9.07
CA LEU A 274 7.14 -17.98 -9.03
C LEU A 274 6.69 -17.53 -10.42
N ARG A 275 5.38 -17.29 -10.56
CA ARG A 275 4.77 -16.95 -11.85
C ARG A 275 4.27 -15.50 -11.93
N HIS A 276 4.16 -14.83 -10.78
CA HIS A 276 3.66 -13.45 -10.71
C HIS A 276 4.44 -12.56 -9.73
N VAL A 277 5.02 -11.49 -10.26
CA VAL A 277 5.67 -10.49 -9.43
C VAL A 277 4.95 -9.16 -9.67
N THR A 278 4.28 -8.67 -8.63
CA THR A 278 3.40 -7.52 -8.73
C THR A 278 3.92 -6.38 -7.86
N PHE A 279 3.71 -5.15 -8.31
CA PHE A 279 4.23 -3.98 -7.60
C PHE A 279 3.49 -2.71 -8.02
N ALA A 280 3.51 -1.73 -7.12
CA ALA A 280 3.10 -0.36 -7.46
C ALA A 280 4.39 0.38 -7.81
N GLY A 281 4.64 0.49 -9.11
CA GLY A 281 5.94 0.95 -9.59
C GLY A 281 5.97 2.37 -10.14
N ALA A 282 4.96 3.18 -9.82
CA ALA A 282 4.94 4.56 -10.30
C ALA A 282 6.23 5.33 -9.96
N THR A 283 6.77 5.11 -8.76
CA THR A 283 7.98 5.80 -8.33
C THR A 283 9.27 5.06 -8.74
N MSE A 284 9.12 3.88 -9.32
CA MSE A 284 10.25 3.03 -9.69
C MSE A 284 11.03 3.57 -10.88
O MSE A 284 10.48 3.74 -11.97
CB MSE A 284 9.73 1.62 -9.98
CG MSE A 284 10.81 0.57 -10.19
SE MSE A 284 9.95 -1.17 -10.49
CE MSE A 284 9.05 -1.31 -8.79
N PRO A 285 12.33 3.81 -10.69
CA PRO A 285 13.21 4.24 -11.78
C PRO A 285 13.41 3.13 -12.82
N ASP A 286 13.67 3.51 -14.07
CA ASP A 286 13.93 2.57 -15.15
C ASP A 286 14.97 1.49 -14.78
N ALA A 287 16.03 1.89 -14.06
CA ALA A 287 17.10 0.95 -13.66
C ALA A 287 16.62 -0.15 -12.72
N VAL A 288 15.77 0.19 -11.76
CA VAL A 288 15.24 -0.82 -10.85
C VAL A 288 14.35 -1.78 -11.62
N LEU A 289 13.55 -1.25 -12.56
CA LEU A 289 12.66 -2.09 -13.36
C LEU A 289 13.43 -3.09 -14.24
N GLU A 290 14.51 -2.64 -14.88
CA GLU A 290 15.35 -3.54 -15.68
C GLU A 290 15.99 -4.67 -14.85
N THR A 291 16.43 -4.38 -13.63
CA THR A 291 17.02 -5.42 -12.79
C THR A 291 15.97 -6.44 -12.34
N VAL A 292 14.73 -5.99 -12.14
CA VAL A 292 13.63 -6.89 -11.78
C VAL A 292 13.35 -7.85 -12.96
N HIS A 293 13.25 -7.29 -14.17
CA HIS A 293 13.06 -8.08 -15.38
C HIS A 293 14.22 -9.08 -15.56
N GLN A 294 15.43 -8.64 -15.25
CA GLN A 294 16.61 -9.47 -15.46
C GLN A 294 16.78 -10.62 -14.48
N HIS A 295 16.48 -10.38 -13.21
CA HIS A 295 16.92 -11.29 -12.15
C HIS A 295 15.82 -12.05 -11.44
N LEU A 296 14.57 -11.65 -11.65
CA LEU A 296 13.42 -12.34 -11.06
C LEU A 296 12.55 -12.92 -12.17
N PRO A 297 12.01 -14.13 -11.96
CA PRO A 297 11.12 -14.77 -12.93
C PRO A 297 9.66 -14.34 -12.76
N GLY A 298 8.78 -14.91 -13.59
CA GLY A 298 7.35 -14.63 -13.53
C GLY A 298 6.94 -13.44 -14.37
N GLU A 299 5.64 -13.27 -14.53
CA GLU A 299 5.14 -12.10 -15.21
C GLU A 299 5.16 -10.91 -14.26
N LYS A 300 5.73 -9.80 -14.73
CA LYS A 300 5.77 -8.56 -13.98
C LYS A 300 4.51 -7.76 -14.32
N VAL A 301 3.80 -7.31 -13.28
CA VAL A 301 2.63 -6.44 -13.46
C VAL A 301 2.75 -5.22 -12.54
N ASN A 302 2.68 -4.04 -13.15
CA ASN A 302 2.61 -2.76 -12.46
C ASN A 302 1.15 -2.41 -12.18
N ILE A 303 0.86 -2.01 -10.95
CA ILE A 303 -0.50 -1.55 -10.61
C ILE A 303 -0.48 -0.14 -10.01
N TYR A 304 -1.56 0.60 -10.24
CA TYR A 304 -1.78 1.91 -9.64
C TYR A 304 -2.99 1.74 -8.73
N GLY A 305 -2.80 2.08 -7.47
CA GLY A 305 -3.84 1.86 -6.48
C GLY A 305 -3.85 2.87 -5.35
N THR A 306 -5.02 3.01 -4.75
CA THR A 306 -5.19 3.88 -3.62
C THR A 306 -5.86 3.08 -2.51
N THR A 307 -5.62 3.49 -1.27
CA THR A 307 -6.43 3.02 -0.15
C THR A 307 -7.91 3.22 -0.49
N GLU A 308 -8.21 4.36 -1.09
CA GLU A 308 -9.58 4.81 -1.31
C GLU A 308 -10.33 4.05 -2.40
N ALA A 309 -9.63 3.67 -3.47
CA ALA A 309 -10.31 3.08 -4.63
C ALA A 309 -9.74 1.74 -5.10
N MSE A 310 -8.69 1.27 -4.43
CA MSE A 310 -7.97 0.06 -4.83
C MSE A 310 -7.45 0.25 -6.26
O MSE A 310 -6.84 1.28 -6.57
CB MSE A 310 -8.83 -1.19 -4.69
CG MSE A 310 -8.04 -2.47 -4.41
SE MSE A 310 -7.15 -2.54 -2.65
CE MSE A 310 -5.58 -3.41 -3.28
N ASN A 311 -7.72 -0.71 -7.14
CA ASN A 311 -7.07 -0.73 -8.45
C ASN A 311 -7.76 0.08 -9.54
N SER A 312 -7.03 1.03 -10.09
CA SER A 312 -7.55 1.89 -11.13
C SER A 312 -6.82 1.80 -12.46
N LEU A 313 -5.54 1.43 -12.41
CA LEU A 313 -4.73 1.23 -13.62
C LEU A 313 -3.71 0.11 -13.43
N TYR A 314 -3.28 -0.48 -14.55
CA TYR A 314 -2.27 -1.52 -14.54
C TYR A 314 -1.54 -1.59 -15.88
N MSE A 315 -0.43 -2.34 -15.88
CA MSE A 315 0.33 -2.64 -17.08
C MSE A 315 1.07 -3.96 -16.92
O MSE A 315 1.88 -4.13 -16.00
CB MSE A 315 1.35 -1.53 -17.41
CG MSE A 315 2.20 -1.85 -18.64
SE MSE A 315 1.18 -1.84 -20.31
CE MSE A 315 0.64 0.06 -20.26
N ARG A 316 0.78 -4.90 -17.83
CA ARG A 316 1.53 -6.15 -17.93
C ARG A 316 2.88 -5.89 -18.59
N GLN A 317 3.93 -6.56 -18.10
CA GLN A 317 5.27 -6.45 -18.69
C GLN A 317 5.69 -4.99 -18.92
N PRO A 318 5.66 -4.18 -17.86
CA PRO A 318 5.93 -2.74 -17.99
C PRO A 318 7.36 -2.44 -18.44
N LYS A 319 7.49 -1.40 -19.25
CA LYS A 319 8.78 -0.92 -19.74
C LYS A 319 9.22 0.29 -18.93
N THR A 320 8.24 1.06 -18.45
CA THR A 320 8.46 2.12 -17.48
C THR A 320 7.40 2.01 -16.39
N GLY A 321 7.61 2.71 -15.28
CA GLY A 321 6.71 2.62 -14.14
C GLY A 321 5.49 3.54 -14.17
N THR A 322 5.47 4.49 -15.11
CA THR A 322 4.41 5.51 -15.10
C THR A 322 3.32 5.35 -16.17
N GLU A 323 3.46 4.37 -17.07
CA GLU A 323 2.48 4.20 -18.13
C GLU A 323 1.58 2.98 -17.89
N MSE A 324 0.29 3.26 -17.72
CA MSE A 324 -0.71 2.24 -17.35
C MSE A 324 -2.09 2.52 -17.96
O MSE A 324 -2.31 3.57 -18.57
CB MSE A 324 -0.82 2.13 -15.81
CG MSE A 324 0.45 1.55 -15.16
SE MSE A 324 0.30 1.33 -13.25
CE MSE A 324 1.01 3.04 -12.72
N ALA A 325 -3.02 1.58 -17.82
CA ALA A 325 -4.36 1.70 -18.38
C ALA A 325 -5.38 1.03 -17.46
N PRO A 326 -6.64 1.51 -17.46
CA PRO A 326 -7.66 0.93 -16.58
C PRO A 326 -7.99 -0.51 -16.97
N GLY A 327 -8.24 -1.35 -15.97
CA GLY A 327 -8.65 -2.71 -16.20
C GLY A 327 -10.10 -2.93 -15.84
N PHE A 328 -10.47 -4.19 -15.64
CA PHE A 328 -11.82 -4.58 -15.26
C PHE A 328 -12.22 -3.92 -13.95
N PHE A 329 -13.51 -3.60 -13.84
CA PHE A 329 -14.10 -2.81 -12.73
C PHE A 329 -13.98 -1.29 -12.92
N SER A 330 -12.91 -0.86 -13.57
CA SER A 330 -12.52 0.56 -13.54
C SER A 330 -13.05 1.44 -14.66
N GLU A 331 -13.29 2.71 -14.30
CA GLU A 331 -13.62 3.75 -15.25
C GLU A 331 -12.85 5.00 -14.78
N VAL A 332 -12.10 5.62 -15.68
CA VAL A 332 -11.24 6.76 -15.33
C VAL A 332 -11.42 7.93 -16.27
N ARG A 333 -11.12 9.12 -15.76
CA ARG A 333 -11.14 10.35 -16.55
C ARG A 333 -9.95 11.19 -16.15
N ILE A 334 -9.52 12.07 -17.05
CA ILE A 334 -8.55 13.12 -16.73
C ILE A 334 -9.21 14.48 -16.89
N VAL A 335 -9.34 15.22 -15.79
CA VAL A 335 -10.08 16.49 -15.78
C VAL A 335 -9.21 17.71 -15.43
N ARG A 336 -9.69 18.91 -15.80
CA ARG A 336 -9.01 20.15 -15.47
C ARG A 336 -8.70 20.20 -13.98
N ILE A 337 -7.46 20.52 -13.63
CA ILE A 337 -7.03 20.60 -12.24
C ILE A 337 -7.88 21.66 -11.52
N GLY A 338 -8.53 21.24 -10.44
CA GLY A 338 -9.38 22.12 -9.66
C GLY A 338 -10.78 22.35 -10.23
N GLY A 339 -11.12 21.61 -11.29
CA GLY A 339 -12.41 21.75 -11.94
C GLY A 339 -13.39 20.65 -11.59
N GLY A 340 -14.57 20.69 -12.21
CA GLY A 340 -15.61 19.69 -11.98
C GLY A 340 -15.32 18.37 -12.67
N VAL A 341 -16.06 17.34 -12.26
CA VAL A 341 -15.84 15.97 -12.73
C VAL A 341 -16.15 15.73 -14.22
N ASP A 342 -16.88 16.66 -14.83
CA ASP A 342 -17.21 16.55 -16.27
C ASP A 342 -16.29 17.39 -17.17
N GLU A 343 -15.39 18.16 -16.57
CA GLU A 343 -14.45 18.99 -17.34
C GLU A 343 -13.27 18.19 -17.91
N ILE A 344 -13.56 17.29 -18.85
CA ILE A 344 -12.54 16.46 -19.50
C ILE A 344 -11.52 17.37 -20.22
N VAL A 345 -10.24 17.04 -20.06
CA VAL A 345 -9.18 17.74 -20.76
C VAL A 345 -9.18 17.32 -22.24
N ALA A 346 -8.58 18.13 -23.11
CA ALA A 346 -8.31 17.69 -24.49
C ALA A 346 -7.10 16.75 -24.45
N ASN A 347 -7.10 15.71 -25.29
CA ASN A 347 -6.00 14.72 -25.32
C ASN A 347 -4.63 15.41 -25.47
N GLY A 348 -3.65 14.92 -24.71
CA GLY A 348 -2.33 15.54 -24.67
C GLY A 348 -2.16 16.62 -23.61
N GLU A 349 -3.27 17.13 -23.06
CA GLU A 349 -3.19 18.11 -21.98
C GLU A 349 -3.23 17.44 -20.60
N GLU A 350 -2.47 18.01 -19.67
CA GLU A 350 -2.34 17.48 -18.32
C GLU A 350 -3.55 17.84 -17.46
N GLY A 351 -3.99 16.89 -16.64
CA GLY A 351 -5.04 17.18 -15.67
C GLY A 351 -5.01 16.23 -14.49
N GLU A 352 -6.02 16.31 -13.63
CA GLU A 352 -6.12 15.39 -12.51
C GLU A 352 -6.80 14.09 -12.91
N LEU A 353 -6.17 12.98 -12.55
CA LEU A 353 -6.79 11.67 -12.72
C LEU A 353 -7.92 11.49 -11.69
N ILE A 354 -9.11 11.16 -12.19
CA ILE A 354 -10.21 10.82 -11.30
C ILE A 354 -10.77 9.46 -11.73
N VAL A 355 -11.28 8.71 -10.76
CA VAL A 355 -11.71 7.34 -10.99
C VAL A 355 -13.14 7.14 -10.46
N ALA A 356 -13.95 6.39 -11.21
CA ALA A 356 -15.35 6.21 -10.81
C ALA A 356 -15.41 5.50 -9.47
N ALA A 357 -16.27 6.00 -8.58
CA ALA A 357 -16.44 5.39 -7.27
C ALA A 357 -17.50 4.29 -7.34
N SER A 358 -17.06 3.09 -7.73
CA SER A 358 -17.96 1.95 -7.81
C SER A 358 -17.80 1.10 -6.56
N ASP A 359 -18.13 -0.19 -6.66
CA ASP A 359 -18.17 -1.08 -5.49
C ASP A 359 -16.88 -1.12 -4.64
N SER A 360 -15.73 -1.00 -5.28
CA SER A 360 -14.47 -1.09 -4.55
C SER A 360 -14.17 0.13 -3.66
N ALA A 361 -14.89 1.23 -3.90
CA ALA A 361 -14.53 2.51 -3.30
C ALA A 361 -14.91 2.61 -1.83
N PHE A 362 -14.09 3.36 -1.08
CA PHE A 362 -14.41 3.74 0.30
C PHE A 362 -15.68 4.60 0.31
N VAL A 363 -16.31 4.71 1.48
CA VAL A 363 -17.55 5.48 1.60
C VAL A 363 -17.34 6.82 2.31
N GLY A 364 -16.09 7.13 2.66
CA GLY A 364 -15.75 8.39 3.28
C GLY A 364 -14.69 8.23 4.36
N TYR A 365 -14.16 9.35 4.84
CA TYR A 365 -13.19 9.34 5.94
C TYR A 365 -13.92 9.52 7.27
N LEU A 366 -13.61 8.65 8.23
CA LEU A 366 -14.27 8.65 9.54
C LEU A 366 -14.12 9.98 10.28
N ASN A 367 -15.26 10.60 10.58
CA ASN A 367 -15.31 11.86 11.35
C ASN A 367 -14.62 13.06 10.69
N GLN A 368 -14.39 12.96 9.38
CA GLN A 368 -13.83 14.06 8.58
C GLN A 368 -14.71 14.36 7.36
N PRO A 369 -15.86 15.00 7.59
CA PRO A 369 -16.80 15.33 6.50
C PRO A 369 -16.20 16.22 5.41
N GLN A 370 -15.36 17.18 5.80
CA GLN A 370 -14.74 18.12 4.87
C GLN A 370 -13.75 17.45 3.90
N ALA A 371 -12.88 16.60 4.42
CA ALA A 371 -11.90 15.88 3.59
C ALA A 371 -12.60 14.92 2.61
N THR A 372 -13.69 14.32 3.07
CA THR A 372 -14.54 13.45 2.25
C THR A 372 -15.13 14.20 1.04
N ALA A 373 -15.72 15.38 1.31
CA ALA A 373 -16.30 16.22 0.26
C ALA A 373 -15.29 16.64 -0.81
N GLU A 374 -14.03 16.72 -0.42
CA GLU A 374 -12.94 17.08 -1.35
C GLU A 374 -12.54 15.92 -2.25
N LYS A 375 -12.64 14.70 -1.72
CA LYS A 375 -12.20 13.50 -2.44
C LYS A 375 -13.31 12.76 -3.20
N LEU A 376 -14.53 12.78 -2.69
CA LEU A 376 -15.64 12.07 -3.31
C LEU A 376 -16.66 13.06 -3.83
N GLN A 377 -16.70 13.24 -5.15
CA GLN A 377 -17.62 14.20 -5.76
C GLN A 377 -18.38 13.62 -6.94
N ASP A 378 -19.71 13.65 -6.83
CA ASP A 378 -20.62 13.28 -7.92
C ASP A 378 -20.34 11.90 -8.53
N GLY A 379 -20.01 10.93 -7.67
CA GLY A 379 -19.72 9.56 -8.10
C GLY A 379 -18.26 9.27 -8.48
N TRP A 380 -17.37 10.23 -8.24
CA TRP A 380 -15.96 10.09 -8.63
C TRP A 380 -15.02 10.30 -7.45
N TYR A 381 -13.95 9.50 -7.40
CA TYR A 381 -12.85 9.70 -6.47
C TYR A 381 -11.72 10.48 -7.15
N ARG A 382 -11.31 11.59 -6.52
CA ARG A 382 -10.22 12.41 -7.05
C ARG A 382 -8.87 11.95 -6.47
N THR A 383 -7.94 11.51 -7.32
CA THR A 383 -6.66 10.94 -6.87
C THR A 383 -5.68 11.96 -6.29
N SER A 384 -5.81 13.22 -6.68
CA SER A 384 -4.81 14.26 -6.40
C SER A 384 -3.48 14.01 -7.13
N ASP A 385 -3.50 13.12 -8.14
CA ASP A 385 -2.36 12.91 -9.03
C ASP A 385 -2.62 13.58 -10.38
N VAL A 386 -1.56 14.14 -10.98
CA VAL A 386 -1.59 14.67 -12.34
C VAL A 386 -1.26 13.55 -13.36
N ALA A 387 -1.96 13.56 -14.49
CA ALA A 387 -1.76 12.55 -15.54
C ALA A 387 -2.08 13.11 -16.93
N VAL A 388 -1.75 12.33 -17.95
CA VAL A 388 -1.99 12.71 -19.34
C VAL A 388 -2.27 11.45 -20.17
N TRP A 389 -3.19 11.58 -21.14
CA TRP A 389 -3.43 10.54 -22.14
C TRP A 389 -2.32 10.61 -23.17
N THR A 390 -1.64 9.49 -23.41
CA THR A 390 -0.55 9.44 -24.40
C THR A 390 -1.13 9.28 -25.80
N PRO A 391 -0.30 9.51 -26.84
CA PRO A 391 -0.74 9.27 -28.23
C PRO A 391 -1.25 7.85 -28.47
N GLU A 392 -0.82 6.91 -27.61
CA GLU A 392 -1.16 5.49 -27.72
C GLU A 392 -2.42 5.16 -26.92
N GLY A 393 -3.00 6.16 -26.27
CA GLY A 393 -4.23 5.99 -25.52
C GLY A 393 -4.07 5.33 -24.15
N THR A 394 -2.87 5.41 -23.57
CA THR A 394 -2.64 4.95 -22.20
C THR A 394 -2.54 6.17 -21.26
N VAL A 395 -2.53 5.93 -19.95
CA VAL A 395 -2.37 6.98 -18.95
C VAL A 395 -0.91 7.08 -18.49
N ARG A 396 -0.32 8.27 -18.61
CA ARG A 396 1.00 8.55 -18.04
C ARG A 396 0.83 9.34 -16.74
N ILE A 397 1.19 8.70 -15.62
CA ILE A 397 1.18 9.36 -14.30
C ILE A 397 2.36 10.33 -14.21
N LEU A 398 2.08 11.60 -13.95
CA LEU A 398 3.12 12.62 -13.94
C LEU A 398 3.62 13.01 -12.56
N GLY A 399 2.83 12.72 -11.52
CA GLY A 399 3.15 13.09 -10.16
C GLY A 399 1.99 13.71 -9.40
N ARG A 400 2.23 14.06 -8.14
CA ARG A 400 1.19 14.63 -7.28
C ARG A 400 0.88 16.07 -7.66
N VAL A 401 -0.40 16.45 -7.62
CA VAL A 401 -0.81 17.84 -7.84
C VAL A 401 -0.01 18.77 -6.91
N ASP A 402 0.12 18.36 -5.65
CA ASP A 402 0.76 19.19 -4.61
C ASP A 402 2.27 19.36 -4.75
N ASP A 403 2.90 18.48 -5.51
CA ASP A 403 4.34 18.54 -5.77
C ASP A 403 4.69 19.38 -7.00
N MSE A 404 3.69 19.68 -7.82
CA MSE A 404 3.93 20.34 -9.09
C MSE A 404 4.60 21.70 -8.90
O MSE A 404 4.22 22.46 -8.01
CB MSE A 404 2.61 20.50 -9.84
CG MSE A 404 2.75 20.51 -11.33
SE MSE A 404 0.99 20.41 -12.15
CE MSE A 404 0.01 21.78 -11.11
N ILE A 405 5.60 21.99 -9.73
CA ILE A 405 6.28 23.28 -9.71
C ILE A 405 5.82 24.10 -10.91
N ILE A 406 5.40 25.34 -10.68
CA ILE A 406 4.98 26.20 -11.78
C ILE A 406 6.01 27.31 -11.98
N SER A 407 6.79 27.19 -13.05
CA SER A 407 7.89 28.10 -13.38
C SER A 407 7.55 28.78 -14.71
N GLY A 408 7.53 30.11 -14.71
CA GLY A 408 7.08 30.87 -15.88
C GLY A 408 5.77 30.38 -16.48
N GLY A 409 4.82 29.98 -15.63
CA GLY A 409 3.51 29.53 -16.08
C GLY A 409 3.48 28.15 -16.72
N GLU A 410 4.59 27.42 -16.62
CA GLU A 410 4.68 26.06 -17.14
C GLU A 410 4.79 25.03 -16.00
N ASN A 411 4.03 23.96 -16.11
CA ASN A 411 4.02 22.87 -15.14
C ASN A 411 5.25 22.01 -15.24
N ILE A 412 5.98 21.92 -14.13
CA ILE A 412 7.09 20.99 -14.03
C ILE A 412 6.81 19.99 -12.90
N HIS A 413 7.05 18.71 -13.19
CA HIS A 413 6.91 17.64 -12.21
C HIS A 413 8.27 17.17 -11.66
N PRO A 414 8.51 17.41 -10.37
CA PRO A 414 9.79 17.03 -9.74
C PRO A 414 10.17 15.56 -9.94
N SER A 415 9.21 14.64 -9.93
CA SER A 415 9.50 13.21 -10.09
C SER A 415 10.28 12.88 -11.37
N GLU A 416 9.92 13.53 -12.48
CA GLU A 416 10.62 13.36 -13.74
C GLU A 416 12.09 13.80 -13.59
N ILE A 417 12.31 14.97 -13.01
CA ILE A 417 13.66 15.50 -12.85
C ILE A 417 14.49 14.65 -11.88
N GLU A 418 13.84 14.17 -10.81
CA GLU A 418 14.49 13.31 -9.84
C GLU A 418 14.99 11.99 -10.45
N ARG A 419 14.23 11.42 -11.38
CA ARG A 419 14.62 10.18 -12.06
C ARG A 419 15.85 10.36 -12.96
N VAL A 420 15.90 11.46 -13.70
CA VAL A 420 17.10 11.80 -14.48
C VAL A 420 18.30 12.00 -13.56
N LEU A 421 18.18 12.91 -12.59
CA LEU A 421 19.28 13.22 -11.66
C LEU A 421 19.75 12.05 -10.81
N GLY A 422 18.85 11.12 -10.50
CA GLY A 422 19.22 9.89 -9.79
C GLY A 422 20.30 9.05 -10.45
N THR A 423 20.51 9.24 -11.76
CA THR A 423 21.48 8.43 -12.52
C THR A 423 22.80 9.17 -12.79
N ALA A 424 22.91 10.40 -12.32
CA ALA A 424 24.10 11.22 -12.53
C ALA A 424 25.26 10.69 -11.67
N PRO A 425 26.48 10.72 -12.19
CA PRO A 425 27.64 10.25 -11.42
C PRO A 425 27.69 10.91 -10.05
N GLY A 426 27.86 10.11 -9.00
CA GLY A 426 28.10 10.63 -7.67
C GLY A 426 26.87 10.91 -6.81
N VAL A 427 25.68 10.87 -7.41
CA VAL A 427 24.42 11.17 -6.71
C VAL A 427 23.83 9.93 -6.05
N THR A 428 23.61 10.01 -4.74
CA THR A 428 22.96 8.91 -4.02
C THR A 428 21.50 9.22 -3.66
N GLU A 429 21.18 10.50 -3.48
CA GLU A 429 19.80 10.91 -3.22
C GLU A 429 19.52 12.28 -3.82
N VAL A 430 18.28 12.50 -4.26
CA VAL A 430 17.87 13.76 -4.85
C VAL A 430 16.38 14.07 -4.63
N VAL A 431 16.09 15.32 -4.25
CA VAL A 431 14.72 15.83 -4.15
C VAL A 431 14.67 17.17 -4.88
N VAL A 432 13.70 17.31 -5.78
CA VAL A 432 13.54 18.52 -6.58
C VAL A 432 12.36 19.32 -6.05
N ILE A 433 12.61 20.60 -5.75
CA ILE A 433 11.58 21.45 -5.15
C ILE A 433 11.51 22.77 -5.90
N GLY A 434 10.41 23.50 -5.71
CA GLY A 434 10.31 24.84 -6.28
C GLY A 434 10.54 25.84 -5.16
N LEU A 435 11.37 26.84 -5.43
CA LEU A 435 11.56 27.95 -4.49
C LEU A 435 11.08 29.22 -5.16
N ALA A 436 10.56 30.15 -4.36
CA ALA A 436 9.97 31.39 -4.89
C ALA A 436 11.03 32.17 -5.68
N ASP A 437 10.67 32.58 -6.89
CA ASP A 437 11.55 33.44 -7.68
C ASP A 437 11.14 34.91 -7.50
N GLN A 438 11.66 35.79 -8.35
CA GLN A 438 11.36 37.23 -8.26
C GLN A 438 10.27 37.69 -9.21
N ARG A 439 9.53 36.74 -9.78
CA ARG A 439 8.42 37.07 -10.68
C ARG A 439 7.15 36.27 -10.37
N TRP A 440 6.87 36.10 -9.07
CA TRP A 440 5.64 35.52 -8.54
C TRP A 440 5.42 34.05 -8.92
N GLY A 441 6.51 33.37 -9.28
CA GLY A 441 6.45 31.96 -9.62
C GLY A 441 7.46 31.18 -8.80
N GLN A 442 7.90 30.06 -9.35
CA GLN A 442 8.85 29.20 -8.69
C GLN A 442 10.01 28.87 -9.62
N SER A 443 11.17 28.64 -9.03
CA SER A 443 12.37 28.21 -9.75
C SER A 443 12.68 26.76 -9.40
N VAL A 444 12.96 25.94 -10.42
CA VAL A 444 13.29 24.52 -10.22
C VAL A 444 14.66 24.39 -9.54
N THR A 445 14.65 23.71 -8.39
CA THR A 445 15.81 23.62 -7.51
C THR A 445 16.03 22.18 -7.10
N ALA A 446 17.27 21.70 -7.18
CA ALA A 446 17.58 20.32 -6.86
C ALA A 446 18.47 20.17 -5.62
N CYS A 447 17.99 19.40 -4.64
CA CYS A 447 18.74 19.12 -3.42
C CYS A 447 19.32 17.72 -3.53
N VAL A 448 20.65 17.61 -3.49
CA VAL A 448 21.32 16.37 -3.83
C VAL A 448 22.31 15.94 -2.72
N VAL A 449 22.42 14.63 -2.54
CA VAL A 449 23.33 14.05 -1.57
C VAL A 449 24.36 13.20 -2.33
N PRO A 450 25.64 13.41 -2.04
CA PRO A 450 26.69 12.62 -2.70
C PRO A 450 26.85 11.22 -2.15
N ARG A 451 27.22 10.31 -3.03
CA ARG A 451 27.70 9.00 -2.63
C ARG A 451 28.91 9.20 -1.72
N LEU A 452 29.11 8.28 -0.78
CA LEU A 452 30.16 8.40 0.21
C LEU A 452 31.53 8.68 -0.42
N GLY A 453 32.13 9.80 0.00
CA GLY A 453 33.48 10.15 -0.39
C GLY A 453 33.58 10.84 -1.73
N GLU A 454 32.45 10.94 -2.44
CA GLU A 454 32.41 11.55 -3.77
C GLU A 454 32.14 13.05 -3.67
N THR A 455 32.59 13.78 -4.67
CA THR A 455 32.40 15.23 -4.70
C THR A 455 31.43 15.58 -5.82
N LEU A 456 30.35 16.26 -5.44
CA LEU A 456 29.40 16.77 -6.42
C LEU A 456 29.66 18.24 -6.66
N SER A 457 29.33 18.72 -7.85
CA SER A 457 29.34 20.15 -8.11
C SER A 457 28.16 20.53 -8.99
N ALA A 458 27.64 21.73 -8.79
CA ALA A 458 26.53 22.26 -9.58
C ALA A 458 26.85 22.20 -11.09
N ASP A 459 28.08 22.55 -11.44
CA ASP A 459 28.54 22.55 -12.83
C ASP A 459 28.46 21.16 -13.50
N ALA A 460 28.95 20.13 -12.80
CA ALA A 460 28.91 18.77 -13.35
C ALA A 460 27.47 18.22 -13.42
N LEU A 461 26.65 18.55 -12.42
CA LEU A 461 25.24 18.14 -12.44
C LEU A 461 24.46 18.83 -13.56
N ASP A 462 24.73 20.12 -13.77
CA ASP A 462 24.11 20.82 -14.88
C ASP A 462 24.60 20.24 -16.22
N THR A 463 25.89 19.96 -16.32
CA THR A 463 26.44 19.33 -17.52
C THR A 463 25.71 18.02 -17.84
N PHE A 464 25.50 17.19 -16.81
CA PHE A 464 24.71 15.96 -16.97
C PHE A 464 23.26 16.23 -17.44
N CYS A 465 22.58 17.19 -16.82
CA CYS A 465 21.22 17.52 -17.25
C CYS A 465 21.12 17.99 -18.70
N ARG A 466 22.12 18.76 -19.13
CA ARG A 466 22.17 19.26 -20.51
C ARG A 466 22.32 18.16 -21.57
N SER A 467 22.92 17.04 -21.17
CA SER A 467 23.10 15.89 -22.05
C SER A 467 21.88 14.96 -22.07
N SER A 468 20.92 15.22 -21.19
CA SER A 468 19.74 14.38 -21.05
C SER A 468 18.62 14.83 -21.99
N GLU A 469 17.50 14.10 -21.98
CA GLU A 469 16.35 14.43 -22.85
C GLU A 469 15.44 15.50 -22.26
N LEU A 470 15.77 15.98 -21.06
CA LEU A 470 14.98 17.02 -20.39
C LEU A 470 14.88 18.28 -21.26
N ALA A 471 13.65 18.78 -21.41
CA ALA A 471 13.42 20.05 -22.08
C ALA A 471 14.15 21.15 -21.29
N ASP A 472 14.54 22.23 -21.99
CA ASP A 472 15.28 23.33 -21.37
C ASP A 472 14.63 23.82 -20.10
N PHE A 473 13.32 24.06 -20.17
CA PHE A 473 12.57 24.68 -19.07
C PHE A 473 12.48 23.80 -17.83
N LYS A 474 12.87 22.53 -17.96
CA LYS A 474 12.81 21.59 -16.85
C LYS A 474 14.12 21.45 -16.06
N ARG A 475 15.23 21.90 -16.63
CA ARG A 475 16.53 21.73 -15.95
C ARG A 475 16.61 22.62 -14.72
N PRO A 476 17.10 22.07 -13.59
CA PRO A 476 17.27 22.86 -12.38
C PRO A 476 18.09 24.11 -12.62
N LYS A 477 17.61 25.21 -12.05
CA LYS A 477 18.32 26.47 -12.10
C LYS A 477 19.36 26.59 -10.98
N ARG A 478 19.28 25.69 -10.01
CA ARG A 478 20.08 25.79 -8.78
C ARG A 478 20.24 24.43 -8.12
N TYR A 479 21.40 24.20 -7.49
CA TYR A 479 21.64 22.99 -6.69
C TYR A 479 22.01 23.31 -5.24
N PHE A 480 21.47 22.53 -4.31
CA PHE A 480 21.94 22.51 -2.92
C PHE A 480 22.54 21.16 -2.66
N ILE A 481 23.84 21.14 -2.36
CA ILE A 481 24.54 19.88 -2.06
C ILE A 481 24.55 19.72 -0.54
N LEU A 482 23.91 18.66 -0.07
CA LEU A 482 23.66 18.46 1.36
C LEU A 482 24.27 17.13 1.77
N ASP A 483 24.64 17.02 3.05
CA ASP A 483 25.18 15.77 3.55
C ASP A 483 24.09 14.73 3.83
N GLN A 484 22.86 15.20 4.02
CA GLN A 484 21.69 14.34 4.26
C GLN A 484 20.38 15.11 4.00
N LEU A 485 19.30 14.38 3.74
CA LEU A 485 17.98 14.99 3.64
C LEU A 485 17.14 14.71 4.89
N PRO A 486 16.31 15.67 5.31
CA PRO A 486 15.46 15.49 6.49
C PRO A 486 14.34 14.49 6.24
N LYS A 487 14.20 13.54 7.15
CA LYS A 487 13.26 12.44 7.02
C LYS A 487 12.58 12.21 8.35
N ASN A 488 11.32 11.75 8.28
CA ASN A 488 10.59 11.35 9.48
C ASN A 488 11.03 9.97 9.99
N ALA A 489 10.31 9.43 10.97
CA ALA A 489 10.61 8.13 11.53
C ALA A 489 10.32 6.96 10.57
N LEU A 490 9.70 7.25 9.44
CA LEU A 490 9.32 6.23 8.45
C LEU A 490 10.16 6.30 7.17
N ASN A 491 11.28 7.01 7.23
CA ASN A 491 12.19 7.22 6.10
C ASN A 491 11.56 7.96 4.92
N LYS A 492 10.59 8.82 5.19
CA LYS A 492 9.97 9.65 4.16
C LYS A 492 10.51 11.07 4.21
N VAL A 493 10.93 11.59 3.06
CA VAL A 493 11.49 12.94 2.95
C VAL A 493 10.44 13.99 3.31
N LEU A 494 10.77 14.86 4.26
CA LEU A 494 9.90 15.98 4.63
C LEU A 494 10.16 17.16 3.70
N ARG A 495 9.34 17.27 2.65
CA ARG A 495 9.53 18.25 1.59
C ARG A 495 9.45 19.68 2.10
N ARG A 496 8.53 19.91 3.04
CA ARG A 496 8.28 21.23 3.61
C ARG A 496 9.38 21.68 4.59
N GLN A 497 9.96 20.73 5.33
CA GLN A 497 11.09 21.02 6.21
C GLN A 497 12.37 21.28 5.40
N LEU A 498 12.47 20.65 4.23
CA LEU A 498 13.62 20.83 3.34
C LEU A 498 13.62 22.22 2.72
N VAL A 499 12.46 22.67 2.24
CA VAL A 499 12.31 24.02 1.70
C VAL A 499 12.82 25.04 2.73
N GLN A 500 12.40 24.87 3.98
CA GLN A 500 12.77 25.79 5.06
C GLN A 500 14.25 25.79 5.38
N GLN A 501 14.88 24.61 5.30
CA GLN A 501 16.30 24.47 5.60
C GLN A 501 17.17 25.16 4.55
N VAL A 502 16.76 25.05 3.28
CA VAL A 502 17.55 25.59 2.18
C VAL A 502 17.24 27.06 1.93
N SER A 503 15.97 27.44 2.15
CA SER A 503 15.54 28.82 1.96
C SER A 503 15.58 29.58 3.29
CA CA B . 24.08 16.90 8.71
#